data_2I0V
#
_entry.id   2I0V
#
_cell.length_a   82.199
_cell.length_b   82.199
_cell.length_c   143.300
_cell.angle_alpha   90.00
_cell.angle_beta   90.00
_cell.angle_gamma   120.00
#
_symmetry.space_group_name_H-M   'H 3'
#
loop_
_entity.id
_entity.type
_entity.pdbx_description
1 polymer 'cFMS tyrosine kinase'
2 non-polymer 'SULFATE ION'
3 non-polymer 6-CHLORO-3-(3-METHYLISOXAZOL-5-YL)-4-PHENYLQUINOLIN-2(1H)-ONE
4 water water
#
_entity_poly.entity_id   1
_entity_poly.type   'polypeptide(L)'
_entity_poly.pdbx_seq_one_letter_code
;GVDYKYKQKPKYQVRWKIIESYEGNSYTFIDPTQLPYNEKWEFPRNNLQFGKTLGAGAFGKVVEATAFGLGKEDAVLKVA
VKMLKSTAHADEKEALMSELKIMSHLGQHENIVNLLGACTHGGPVLVITEYCCYGDLLNFLRRKRPPGLEYSYNPSHNPE
EQLSSRDLLHFSSQVAQGMAFLASKNCIHRDVAARNVLLTNGHVAKIGDFGLARDIMNDSNYIVKGNARLPVKWMAPESI
FDCVYTVQSDVWSYGILLWEIFSLGLNPYPGILVNSKFYKLVKDGYQMAQPAFAPKNIYSIMQACWALEPTHRPTFQQIC
SFLQEQAQEDRRERD
;
_entity_poly.pdbx_strand_id   A
#
loop_
_chem_comp.id
_chem_comp.type
_chem_comp.name
_chem_comp.formula
6C3 non-polymer 6-CHLORO-3-(3-METHYLISOXAZOL-5-YL)-4-PHENYLQUINOLIN-2(1H)-ONE 'C19 H13 Cl N2 O2'
SO4 non-polymer 'SULFATE ION' 'O4 S -2'
#
# COMPACT_ATOMS: atom_id res chain seq x y z
N PRO A 10 2.54 -20.42 -6.96
CA PRO A 10 2.37 -19.05 -6.40
C PRO A 10 2.34 -19.06 -4.87
N LYS A 11 3.29 -18.33 -4.29
CA LYS A 11 3.43 -18.22 -2.85
C LYS A 11 2.77 -16.94 -2.37
N TYR A 12 2.07 -17.04 -1.25
CA TYR A 12 1.38 -15.90 -0.67
C TYR A 12 2.41 -14.78 -0.48
N GLN A 13 3.21 -14.89 0.57
CA GLN A 13 4.23 -13.88 0.84
C GLN A 13 3.63 -12.52 1.15
N VAL A 14 4.08 -11.95 2.26
CA VAL A 14 3.63 -10.66 2.71
C VAL A 14 4.50 -9.61 2.04
N ARG A 15 3.89 -8.50 1.65
CA ARG A 15 4.63 -7.44 1.01
C ARG A 15 5.39 -6.64 2.08
N TRP A 16 4.61 -6.02 2.97
CA TRP A 16 5.10 -5.21 4.07
C TRP A 16 6.15 -5.94 4.90
N LYS A 17 7.19 -5.21 5.30
CA LYS A 17 8.26 -5.79 6.09
C LYS A 17 8.92 -4.79 7.03
N ILE A 18 9.37 -5.26 8.18
CA ILE A 18 10.04 -4.40 9.15
C ILE A 18 11.53 -4.71 9.03
N ILE A 19 12.34 -3.68 8.84
CA ILE A 19 13.77 -3.89 8.70
C ILE A 19 14.54 -3.21 9.83
N GLU A 20 15.85 -3.43 9.85
CA GLU A 20 16.68 -2.83 10.87
C GLU A 20 17.43 -1.63 10.35
N SER A 21 17.09 -0.48 10.91
CA SER A 21 17.70 0.79 10.56
C SER A 21 18.18 1.36 11.88
N TYR A 22 19.37 1.96 11.87
CA TYR A 22 19.92 2.53 13.08
C TYR A 22 19.91 4.05 13.07
N GLU A 23 20.87 4.68 12.42
CA GLU A 23 20.93 6.14 12.36
C GLU A 23 19.57 6.80 12.13
N GLY A 24 18.60 6.04 11.64
CA GLY A 24 17.26 6.59 11.40
C GLY A 24 16.71 7.18 12.69
N ASN A 25 15.61 7.94 12.62
CA ASN A 25 15.04 8.53 13.85
C ASN A 25 14.08 7.61 14.62
N SER A 26 14.30 6.30 14.48
CA SER A 26 13.52 5.25 15.15
C SER A 26 14.36 4.00 15.05
N TYR A 27 14.55 3.36 16.19
CA TYR A 27 15.33 2.14 16.30
C TYR A 27 14.43 0.91 16.39
N THR A 28 14.82 -0.13 15.67
CA THR A 28 14.05 -1.37 15.66
C THR A 28 14.64 -2.28 16.73
N PHE A 29 13.97 -2.36 17.88
CA PHE A 29 14.40 -3.19 19.00
C PHE A 29 13.92 -4.63 18.90
N ILE A 30 12.93 -4.85 18.03
CA ILE A 30 12.37 -6.19 17.84
C ILE A 30 11.74 -6.34 16.46
N ASP A 31 11.58 -7.59 16.05
CA ASP A 31 10.98 -7.94 14.78
C ASP A 31 9.71 -8.69 15.15
N PRO A 32 8.56 -7.96 15.17
CA PRO A 32 7.22 -8.46 15.51
C PRO A 32 6.88 -9.84 15.00
N THR A 33 7.01 -10.05 13.71
CA THR A 33 6.73 -11.33 13.08
C THR A 33 7.43 -12.53 13.77
N GLN A 34 8.54 -12.26 14.46
CA GLN A 34 9.28 -13.32 15.14
C GLN A 34 8.58 -14.01 16.31
N LEU A 35 7.69 -13.32 17.03
CA LEU A 35 7.01 -14.00 18.14
C LEU A 35 5.63 -13.49 18.58
N PRO A 36 5.50 -12.18 18.84
CA PRO A 36 4.27 -11.50 19.28
C PRO A 36 2.93 -12.10 18.82
N TYR A 37 1.87 -11.89 19.60
CA TYR A 37 0.54 -12.42 19.25
C TYR A 37 -0.59 -11.62 19.90
N ASN A 38 -0.22 -10.50 20.54
CA ASN A 38 -1.17 -9.62 21.22
C ASN A 38 -2.64 -9.95 21.09
N GLU A 39 -3.15 -10.66 22.08
CA GLU A 39 -4.54 -11.09 22.15
C GLU A 39 -5.50 -9.95 22.52
N LYS A 40 -5.06 -8.70 22.33
CA LYS A 40 -5.89 -7.54 22.66
C LYS A 40 -6.58 -6.97 21.41
N TRP A 41 -6.46 -7.70 20.31
CA TRP A 41 -7.05 -7.33 19.03
C TRP A 41 -8.25 -8.22 18.77
N GLU A 42 -8.30 -9.32 19.53
CA GLU A 42 -9.35 -10.32 19.44
C GLU A 42 -10.72 -9.67 19.55
N PHE A 43 -11.65 -10.21 18.76
CA PHE A 43 -13.02 -9.73 18.71
C PHE A 43 -13.91 -10.96 18.51
N PRO A 44 -15.15 -10.96 19.09
CA PRO A 44 -16.10 -12.08 18.97
C PRO A 44 -16.63 -12.23 17.54
N ARG A 45 -16.18 -13.27 16.83
CA ARG A 45 -16.63 -13.46 15.46
C ARG A 45 -18.14 -13.61 15.37
N ASN A 46 -18.75 -13.75 16.55
CA ASN A 46 -20.19 -13.90 16.63
C ASN A 46 -20.89 -12.54 16.79
N ASN A 47 -20.17 -11.48 16.41
CA ASN A 47 -20.70 -10.10 16.48
C ASN A 47 -20.28 -9.39 15.20
N LEU A 48 -19.82 -10.19 14.24
CA LEU A 48 -19.35 -9.70 12.95
C LEU A 48 -20.34 -10.20 11.91
N GLN A 49 -20.96 -9.29 11.15
CA GLN A 49 -21.91 -9.72 10.14
C GLN A 49 -21.39 -9.56 8.73
N PHE A 50 -21.26 -10.67 8.01
CA PHE A 50 -20.78 -10.66 6.64
C PHE A 50 -21.63 -9.95 5.61
N GLY A 51 -21.01 -9.01 4.91
CA GLY A 51 -21.69 -8.29 3.85
C GLY A 51 -21.28 -9.02 2.58
N LYS A 52 -21.08 -8.28 1.50
CA LYS A 52 -20.68 -8.90 0.25
C LYS A 52 -19.18 -9.01 0.16
N THR A 53 -18.71 -9.68 -0.87
CA THR A 53 -17.29 -9.86 -1.10
C THR A 53 -16.72 -8.66 -1.85
N LEU A 54 -15.90 -7.86 -1.15
CA LEU A 54 -15.27 -6.68 -1.74
C LEU A 54 -14.29 -7.08 -2.84
N GLY A 55 -13.65 -8.22 -2.65
CA GLY A 55 -12.70 -8.68 -3.63
C GLY A 55 -12.11 -9.99 -3.18
N ALA A 56 -11.32 -10.62 -4.05
CA ALA A 56 -10.67 -11.89 -3.75
C ALA A 56 -9.63 -12.24 -4.80
N GLY A 57 -8.74 -13.15 -4.42
CA GLY A 57 -7.67 -13.57 -5.31
C GLY A 57 -7.31 -15.01 -5.01
N ALA A 58 -6.26 -15.51 -5.65
CA ALA A 58 -5.78 -16.87 -5.50
C ALA A 58 -5.34 -17.34 -4.13
N PHE A 59 -5.59 -16.56 -3.10
CA PHE A 59 -5.18 -16.98 -1.77
C PHE A 59 -6.29 -16.79 -0.79
N GLY A 60 -7.18 -15.84 -1.10
CA GLY A 60 -8.26 -15.55 -0.20
C GLY A 60 -9.16 -14.44 -0.68
N LYS A 61 -9.95 -13.92 0.26
CA LYS A 61 -10.88 -12.84 -0.02
C LYS A 61 -11.03 -11.91 1.18
N VAL A 62 -11.69 -10.79 0.93
CA VAL A 62 -11.93 -9.81 1.96
C VAL A 62 -13.35 -9.38 1.67
N VAL A 63 -14.21 -9.49 2.67
CA VAL A 63 -15.60 -9.10 2.49
C VAL A 63 -16.08 -8.05 3.46
N GLU A 64 -17.07 -7.30 3.01
CA GLU A 64 -17.64 -6.25 3.81
C GLU A 64 -18.27 -6.95 4.98
N ALA A 65 -18.63 -6.20 6.01
CA ALA A 65 -19.24 -6.79 7.19
C ALA A 65 -19.51 -5.71 8.23
N THR A 66 -20.40 -6.00 9.17
CA THR A 66 -20.72 -5.04 10.22
C THR A 66 -20.33 -5.57 11.59
N ALA A 67 -19.51 -4.79 12.30
CA ALA A 67 -19.02 -5.16 13.63
C ALA A 67 -19.78 -4.44 14.72
N PHE A 68 -20.47 -5.21 15.55
CA PHE A 68 -21.25 -4.65 16.64
C PHE A 68 -20.39 -4.49 17.89
N GLY A 69 -20.18 -3.24 18.29
CA GLY A 69 -19.39 -2.97 19.46
C GLY A 69 -17.90 -3.16 19.29
N LEU A 70 -17.30 -2.38 18.39
CA LEU A 70 -15.88 -2.47 18.14
C LEU A 70 -15.16 -1.32 18.80
N GLY A 71 -14.18 -1.62 19.64
CA GLY A 71 -13.43 -0.60 20.33
C GLY A 71 -13.93 -0.35 21.74
N LYS A 72 -13.46 0.72 22.35
CA LYS A 72 -13.88 1.07 23.70
C LYS A 72 -15.18 1.88 23.66
N GLU A 73 -15.63 2.20 22.44
CA GLU A 73 -16.86 2.97 22.27
C GLU A 73 -18.05 2.24 21.64
N ASP A 74 -18.05 0.91 21.70
CA ASP A 74 -19.13 0.08 21.14
C ASP A 74 -19.69 0.50 19.79
N ALA A 75 -18.88 1.18 18.95
CA ALA A 75 -19.37 1.59 17.64
C ALA A 75 -19.88 0.35 16.94
N VAL A 76 -20.66 0.53 15.87
CA VAL A 76 -21.21 -0.59 15.12
C VAL A 76 -20.95 -0.39 13.63
N LEU A 77 -19.80 0.20 13.32
CA LEU A 77 -19.41 0.47 11.93
C LEU A 77 -19.13 -0.69 10.97
N LYS A 78 -19.10 -0.32 9.69
CA LYS A 78 -18.84 -1.24 8.59
C LYS A 78 -17.35 -1.55 8.63
N VAL A 79 -16.98 -2.77 8.22
CA VAL A 79 -15.59 -3.16 8.22
C VAL A 79 -15.25 -4.10 7.08
N ALA A 80 -13.97 -4.36 6.90
CA ALA A 80 -13.52 -5.24 5.84
C ALA A 80 -12.75 -6.36 6.50
N VAL A 81 -13.26 -7.56 6.34
CA VAL A 81 -12.63 -8.72 6.93
C VAL A 81 -11.72 -9.52 6.02
N LYS A 82 -10.41 -9.41 6.24
CA LYS A 82 -9.48 -10.15 5.43
C LYS A 82 -9.66 -11.59 5.93
N MET A 83 -9.50 -12.57 5.03
CA MET A 83 -9.64 -13.97 5.40
C MET A 83 -9.14 -14.86 4.28
N LEU A 84 -8.65 -16.04 4.64
CA LEU A 84 -8.14 -16.98 3.65
C LEU A 84 -9.22 -17.98 3.26
N LYS A 85 -8.93 -18.76 2.21
CA LYS A 85 -9.85 -19.77 1.73
C LYS A 85 -9.61 -21.04 2.53
N SER A 86 -10.38 -22.08 2.25
CA SER A 86 -10.27 -23.37 2.94
C SER A 86 -9.05 -24.12 2.43
N THR A 87 -8.80 -23.99 1.14
CA THR A 87 -7.67 -24.62 0.46
C THR A 87 -6.35 -24.25 1.15
N ALA A 88 -6.41 -23.22 1.98
CA ALA A 88 -5.25 -22.72 2.71
C ALA A 88 -4.45 -23.79 3.45
N HIS A 89 -3.15 -23.55 3.65
CA HIS A 89 -2.29 -24.52 4.36
C HIS A 89 -1.34 -23.77 5.30
N ALA A 90 -0.85 -24.49 6.32
CA ALA A 90 0.07 -23.96 7.32
C ALA A 90 0.77 -22.66 6.92
N ASP A 91 1.63 -22.74 5.92
CA ASP A 91 2.38 -21.57 5.43
C ASP A 91 1.44 -20.37 5.29
N GLU A 92 0.54 -20.45 4.32
CA GLU A 92 -0.42 -19.37 4.08
C GLU A 92 -0.99 -18.90 5.40
N LYS A 93 -1.55 -19.84 6.15
CA LYS A 93 -2.14 -19.51 7.44
C LYS A 93 -1.21 -18.65 8.29
N GLU A 94 0.09 -18.94 8.28
CA GLU A 94 1.06 -18.17 9.07
C GLU A 94 1.43 -16.82 8.46
N ALA A 95 1.45 -16.75 7.13
CA ALA A 95 1.79 -15.51 6.46
C ALA A 95 0.78 -14.45 6.89
N LEU A 96 -0.48 -14.85 6.89
CA LEU A 96 -1.57 -13.99 7.29
C LEU A 96 -1.31 -13.42 8.68
N MET A 97 -0.82 -14.27 9.58
CA MET A 97 -0.52 -13.84 10.95
C MET A 97 0.67 -12.89 11.04
N SER A 98 1.63 -13.06 10.14
CA SER A 98 2.81 -12.20 10.14
C SER A 98 2.40 -10.79 9.75
N GLU A 99 1.29 -10.70 9.05
CA GLU A 99 0.78 -9.44 8.59
C GLU A 99 -0.04 -8.75 9.67
N LEU A 100 -0.60 -9.55 10.56
CA LEU A 100 -1.42 -9.01 11.63
C LEU A 100 -0.46 -8.42 12.64
N LYS A 101 0.53 -9.20 13.03
CA LYS A 101 1.52 -8.76 14.00
C LYS A 101 2.15 -7.48 13.48
N ILE A 102 2.56 -7.49 12.21
CA ILE A 102 3.17 -6.33 11.59
C ILE A 102 2.20 -5.17 11.70
N MET A 103 0.92 -5.49 11.67
CA MET A 103 -0.10 -4.45 11.77
C MET A 103 -0.19 -3.98 13.20
N SER A 104 -0.27 -4.92 14.12
CA SER A 104 -0.36 -4.60 15.55
C SER A 104 0.85 -3.84 16.07
N HIS A 105 1.96 -3.92 15.34
CA HIS A 105 3.19 -3.23 15.75
C HIS A 105 3.17 -1.78 15.29
N LEU A 106 2.93 -1.57 14.01
CA LEU A 106 2.89 -0.23 13.45
C LEU A 106 2.08 0.77 14.27
N GLY A 107 0.88 0.36 14.65
CA GLY A 107 0.03 1.27 15.37
C GLY A 107 -0.95 1.83 14.36
N GLN A 108 -1.70 2.85 14.73
CA GLN A 108 -2.67 3.42 13.81
C GLN A 108 -2.45 4.85 13.34
N HIS A 109 -2.42 5.02 12.01
CA HIS A 109 -2.23 6.34 11.40
C HIS A 109 -3.44 6.64 10.52
N GLU A 110 -3.80 7.91 10.39
CA GLU A 110 -4.96 8.30 9.59
C GLU A 110 -4.85 7.99 8.10
N ASN A 111 -3.61 7.94 7.59
CA ASN A 111 -3.42 7.65 6.19
C ASN A 111 -2.91 6.25 5.92
N ILE A 112 -3.50 5.27 6.61
CA ILE A 112 -3.14 3.87 6.49
C ILE A 112 -4.42 3.06 6.77
N VAL A 113 -4.62 1.96 6.06
CA VAL A 113 -5.81 1.16 6.33
C VAL A 113 -5.40 0.46 7.63
N ASN A 114 -5.97 0.91 8.74
CA ASN A 114 -5.67 0.34 10.04
C ASN A 114 -6.29 -1.02 10.43
N LEU A 115 -5.76 -1.60 11.51
CA LEU A 115 -6.23 -2.89 12.03
C LEU A 115 -7.26 -2.53 13.10
N LEU A 116 -8.38 -3.27 13.14
CA LEU A 116 -9.41 -2.99 14.13
C LEU A 116 -9.64 -4.20 15.01
N GLY A 117 -9.39 -5.38 14.45
CA GLY A 117 -9.58 -6.59 15.22
C GLY A 117 -9.24 -7.87 14.47
N ALA A 118 -9.30 -8.99 15.17
CA ALA A 118 -9.00 -10.29 14.60
C ALA A 118 -9.76 -11.39 15.35
N CYS A 119 -9.82 -12.57 14.75
CA CYS A 119 -10.51 -13.70 15.34
C CYS A 119 -9.60 -14.91 15.26
N THR A 120 -8.56 -14.93 16.07
CA THR A 120 -7.64 -16.07 16.03
C THR A 120 -8.23 -17.30 16.71
N HIS A 121 -9.29 -17.11 17.46
CA HIS A 121 -9.91 -18.23 18.16
C HIS A 121 -11.40 -18.41 17.93
N GLY A 122 -11.77 -19.61 17.51
CA GLY A 122 -13.16 -19.92 17.24
C GLY A 122 -13.21 -20.58 15.87
N GLY A 123 -12.04 -20.71 15.26
CA GLY A 123 -11.94 -21.30 13.94
C GLY A 123 -10.95 -20.57 13.04
N PRO A 124 -11.33 -20.28 11.79
CA PRO A 124 -10.44 -19.57 10.85
C PRO A 124 -10.10 -18.18 11.35
N VAL A 125 -8.86 -17.73 11.11
CA VAL A 125 -8.44 -16.40 11.54
C VAL A 125 -8.95 -15.36 10.56
N LEU A 126 -9.58 -14.32 11.10
CA LEU A 126 -10.14 -13.24 10.30
C LEU A 126 -9.51 -11.93 10.78
N VAL A 127 -9.00 -11.14 9.84
CA VAL A 127 -8.37 -9.87 10.16
C VAL A 127 -9.38 -8.76 9.84
N ILE A 128 -9.86 -8.07 10.86
CA ILE A 128 -10.84 -7.00 10.70
C ILE A 128 -10.21 -5.63 10.49
N THR A 129 -10.08 -5.19 9.24
CA THR A 129 -9.48 -3.89 8.96
C THR A 129 -10.51 -2.79 8.73
N GLU A 130 -10.03 -1.60 8.48
CA GLU A 130 -10.92 -0.47 8.25
C GLU A 130 -11.66 -0.67 6.95
N TYR A 131 -12.76 0.04 6.82
CA TYR A 131 -13.55 -0.05 5.62
C TYR A 131 -13.62 1.35 5.00
N CYS A 132 -13.12 1.48 3.77
CA CYS A 132 -13.12 2.75 3.06
C CYS A 132 -14.19 2.71 1.98
N CYS A 133 -15.19 3.59 2.09
CA CYS A 133 -16.32 3.68 1.15
C CYS A 133 -16.22 4.16 -0.31
N TYR A 134 -15.17 4.90 -0.69
CA TYR A 134 -15.12 5.33 -2.09
C TYR A 134 -14.22 4.48 -2.96
N GLY A 135 -13.78 3.34 -2.43
CA GLY A 135 -12.93 2.42 -3.18
C GLY A 135 -11.50 2.86 -3.47
N ASP A 136 -10.78 2.11 -4.30
CA ASP A 136 -9.40 2.49 -4.61
C ASP A 136 -9.24 3.73 -5.49
N LEU A 137 -8.11 4.41 -5.28
CA LEU A 137 -7.70 5.61 -5.98
C LEU A 137 -7.58 5.55 -7.50
N LEU A 138 -7.07 4.43 -8.02
CA LEU A 138 -6.92 4.27 -9.47
C LEU A 138 -8.32 4.38 -10.05
N ASN A 139 -9.12 3.34 -9.83
CA ASN A 139 -10.50 3.30 -10.33
C ASN A 139 -11.28 4.58 -10.09
N PHE A 140 -10.90 5.33 -9.06
CA PHE A 140 -11.59 6.57 -8.77
C PHE A 140 -11.23 7.66 -9.78
N LEU A 141 -9.95 7.75 -10.13
CA LEU A 141 -9.46 8.73 -11.08
C LEU A 141 -10.05 8.40 -12.44
N ARG A 142 -10.10 7.10 -12.74
CA ARG A 142 -10.63 6.64 -14.01
C ARG A 142 -12.14 6.89 -14.18
N ARG A 143 -12.83 7.25 -13.10
CA ARG A 143 -14.26 7.50 -13.19
C ARG A 143 -14.54 9.02 -13.07
N LYS A 144 -13.56 9.78 -12.57
CA LYS A 144 -13.68 11.23 -12.39
C LYS A 144 -12.78 12.06 -13.33
N ARG A 145 -12.70 11.67 -14.60
CA ARG A 145 -11.86 12.39 -15.55
C ARG A 145 -12.54 13.63 -16.14
N GLN A 162 -16.39 16.87 -10.52
CA GLN A 162 -15.21 17.14 -11.33
C GLN A 162 -13.96 17.35 -10.47
N LEU A 163 -13.02 16.39 -10.52
CA LEU A 163 -11.79 16.49 -9.74
C LEU A 163 -11.18 17.86 -9.95
N SER A 164 -10.48 18.36 -8.93
CA SER A 164 -9.82 19.66 -8.99
C SER A 164 -8.34 19.40 -8.91
N SER A 165 -7.56 20.33 -9.41
CA SER A 165 -6.11 20.18 -9.39
C SER A 165 -5.65 19.99 -7.96
N ARG A 166 -6.46 20.44 -7.01
CA ARG A 166 -6.11 20.30 -5.60
C ARG A 166 -6.57 18.96 -5.05
N ASP A 167 -7.70 18.48 -5.52
CA ASP A 167 -8.22 17.21 -5.04
C ASP A 167 -7.07 16.21 -5.16
N LEU A 168 -6.40 16.26 -6.31
CA LEU A 168 -5.26 15.40 -6.62
C LEU A 168 -4.10 15.68 -5.67
N LEU A 169 -3.78 16.96 -5.49
CA LEU A 169 -2.70 17.40 -4.63
C LEU A 169 -2.86 16.98 -3.17
N HIS A 170 -4.07 16.62 -2.76
CA HIS A 170 -4.31 16.19 -1.38
C HIS A 170 -3.97 14.71 -1.22
N PHE A 171 -4.41 13.90 -2.18
CA PHE A 171 -4.15 12.47 -2.17
C PHE A 171 -2.64 12.26 -2.11
N SER A 172 -1.91 13.09 -2.86
CA SER A 172 -0.45 13.00 -2.92
C SER A 172 0.19 13.27 -1.56
N SER A 173 -0.29 14.28 -0.86
CA SER A 173 0.26 14.57 0.45
C SER A 173 -0.20 13.56 1.48
N GLN A 174 -1.45 13.12 1.36
CA GLN A 174 -2.00 12.16 2.30
C GLN A 174 -1.21 10.84 2.16
N VAL A 175 -1.12 10.32 0.95
CA VAL A 175 -0.40 9.08 0.68
C VAL A 175 1.03 9.25 1.19
N ALA A 176 1.63 10.41 0.89
CA ALA A 176 2.99 10.73 1.28
C ALA A 176 3.11 10.71 2.79
N GLN A 177 2.02 11.09 3.47
CA GLN A 177 1.99 11.12 4.93
C GLN A 177 2.03 9.74 5.53
N GLY A 178 1.18 8.84 5.04
CA GLY A 178 1.15 7.48 5.54
C GLY A 178 2.50 6.82 5.28
N MET A 179 3.07 7.07 4.11
CA MET A 179 4.36 6.49 3.75
C MET A 179 5.45 7.08 4.65
N ALA A 180 5.18 8.23 5.25
CA ALA A 180 6.16 8.87 6.12
C ALA A 180 6.13 8.05 7.42
N PHE A 181 4.93 7.57 7.74
CA PHE A 181 4.64 6.77 8.92
C PHE A 181 5.27 5.38 8.85
N LEU A 182 5.01 4.66 7.76
CA LEU A 182 5.57 3.33 7.64
C LEU A 182 7.09 3.48 7.68
N ALA A 183 7.57 4.65 7.26
CA ALA A 183 9.00 4.90 7.25
C ALA A 183 9.46 5.11 8.69
N SER A 184 8.68 5.84 9.48
CA SER A 184 9.04 6.09 10.86
C SER A 184 8.93 4.89 11.79
N LYS A 185 8.82 3.70 11.22
CA LYS A 185 8.70 2.44 11.99
C LYS A 185 9.62 1.40 11.33
N ASN A 186 10.38 1.87 10.34
CA ASN A 186 11.31 1.02 9.61
C ASN A 186 10.54 0.00 8.82
N CYS A 187 9.32 0.36 8.43
CA CYS A 187 8.48 -0.56 7.66
C CYS A 187 8.42 -0.24 6.16
N ILE A 188 8.86 -1.17 5.33
CA ILE A 188 8.83 -0.95 3.90
C ILE A 188 7.53 -1.53 3.34
N HIS A 189 7.07 -0.96 2.22
CA HIS A 189 5.83 -1.39 1.56
C HIS A 189 6.15 -2.38 0.47
N ARG A 190 7.00 -1.96 -0.46
CA ARG A 190 7.42 -2.78 -1.58
C ARG A 190 6.35 -2.95 -2.67
N ASP A 191 5.27 -2.20 -2.57
CA ASP A 191 4.21 -2.30 -3.58
C ASP A 191 3.37 -1.06 -3.59
N VAL A 192 4.01 0.11 -3.59
CA VAL A 192 3.24 1.35 -3.60
C VAL A 192 2.71 1.70 -4.98
N ALA A 193 1.38 1.69 -5.11
CA ALA A 193 0.70 2.00 -6.36
C ALA A 193 -0.74 2.44 -6.08
N ALA A 194 -1.27 3.31 -6.92
CA ALA A 194 -2.62 3.79 -6.72
C ALA A 194 -3.62 2.66 -6.47
N ARG A 195 -3.34 1.46 -6.94
CA ARG A 195 -4.27 0.36 -6.70
C ARG A 195 -4.28 -0.07 -5.23
N ASN A 196 -3.27 0.38 -4.49
CA ASN A 196 -3.12 0.06 -3.06
C ASN A 196 -3.52 1.22 -2.17
N VAL A 197 -4.27 2.16 -2.75
CA VAL A 197 -4.73 3.33 -2.04
C VAL A 197 -6.22 3.36 -2.15
N LEU A 198 -6.86 3.32 -0.98
CA LEU A 198 -8.31 3.35 -0.87
C LEU A 198 -8.68 4.78 -0.62
N LEU A 199 -9.96 5.05 -0.60
CA LEU A 199 -10.46 6.38 -0.35
C LEU A 199 -11.61 6.21 0.65
N THR A 200 -11.41 6.72 1.86
CA THR A 200 -12.42 6.62 2.87
C THR A 200 -13.27 7.90 2.94
N ASN A 201 -13.98 8.09 4.05
CA ASN A 201 -14.84 9.26 4.24
C ASN A 201 -14.18 10.61 3.97
N GLY A 202 -14.93 11.47 3.28
CA GLY A 202 -14.41 12.79 2.96
C GLY A 202 -13.28 12.68 1.97
N HIS A 203 -13.23 11.53 1.29
CA HIS A 203 -12.20 11.26 0.29
C HIS A 203 -10.75 11.33 0.80
N VAL A 204 -10.52 10.85 2.02
CA VAL A 204 -9.17 10.88 2.57
C VAL A 204 -8.51 9.62 2.04
N ALA A 205 -7.25 9.70 1.66
CA ALA A 205 -6.54 8.51 1.14
C ALA A 205 -6.14 7.56 2.26
N LYS A 206 -5.39 6.52 1.94
CA LYS A 206 -4.95 5.53 2.94
C LYS A 206 -4.17 4.40 2.27
N ILE A 207 -2.86 4.36 2.42
CA ILE A 207 -2.11 3.27 1.79
C ILE A 207 -2.31 1.96 2.53
N GLY A 208 -2.19 0.87 1.80
CA GLY A 208 -2.33 -0.44 2.39
C GLY A 208 -1.86 -1.48 1.39
N ASP A 209 -2.14 -2.73 1.67
CA ASP A 209 -1.76 -3.78 0.75
C ASP A 209 -3.04 -4.57 0.54
N PHE A 210 -3.48 -4.60 -0.71
CA PHE A 210 -4.70 -5.30 -1.05
C PHE A 210 -4.48 -6.60 -1.82
N GLY A 211 -3.36 -7.23 -1.50
CA GLY A 211 -2.98 -8.48 -2.12
C GLY A 211 -4.09 -9.50 -2.13
N LEU A 212 -4.69 -9.77 -0.97
CA LEU A 212 -5.78 -10.75 -0.93
C LEU A 212 -6.87 -10.42 -1.94
N ALA A 213 -7.47 -9.24 -1.77
CA ALA A 213 -8.54 -8.76 -2.64
C ALA A 213 -8.30 -8.66 -4.14
N ARG A 214 -7.05 -8.74 -4.59
CA ARG A 214 -6.78 -8.65 -6.03
C ARG A 214 -6.36 -10.02 -6.48
N ASP A 215 -6.53 -10.31 -7.77
CA ASP A 215 -6.14 -11.61 -8.29
C ASP A 215 -4.87 -11.42 -9.10
N ILE A 216 -3.73 -11.57 -8.43
CA ILE A 216 -2.43 -11.40 -9.07
C ILE A 216 -2.14 -12.34 -10.24
N MET A 217 -2.71 -13.53 -10.21
CA MET A 217 -2.47 -14.49 -11.28
C MET A 217 -2.88 -13.94 -12.65
N ASN A 218 -3.85 -13.03 -12.67
CA ASN A 218 -4.32 -12.47 -13.92
C ASN A 218 -4.10 -10.95 -14.12
N ASP A 219 -3.34 -10.31 -13.24
CA ASP A 219 -3.06 -8.86 -13.36
C ASP A 219 -1.72 -8.69 -14.07
N SER A 220 -1.76 -8.25 -15.33
CA SER A 220 -0.54 -8.05 -16.12
C SER A 220 0.44 -7.04 -15.57
N ASN A 221 0.13 -6.44 -14.43
CA ASN A 221 1.04 -5.46 -13.87
C ASN A 221 2.08 -6.16 -13.04
N TYR A 222 1.81 -7.42 -12.71
CA TYR A 222 2.71 -8.24 -11.93
C TYR A 222 3.32 -9.23 -12.91
N ILE A 223 4.61 -9.07 -13.16
CA ILE A 223 5.33 -9.94 -14.07
C ILE A 223 5.81 -11.15 -13.28
N VAL A 224 5.91 -12.29 -13.94
CA VAL A 224 6.34 -13.52 -13.27
C VAL A 224 7.84 -13.53 -12.96
N LYS A 225 8.18 -14.16 -11.85
CA LYS A 225 9.56 -14.26 -11.41
C LYS A 225 9.85 -15.71 -11.06
N GLY A 226 9.53 -16.61 -11.98
CA GLY A 226 9.75 -18.02 -11.76
C GLY A 226 8.51 -18.81 -11.40
N ALA A 228 8.02 -15.22 -8.41
CA ALA A 228 6.81 -14.63 -7.85
C ALA A 228 6.17 -13.63 -8.81
N ARG A 229 5.37 -12.72 -8.25
CA ARG A 229 4.69 -11.70 -9.02
C ARG A 229 5.10 -10.35 -8.47
N LEU A 230 5.74 -9.54 -9.30
CA LEU A 230 6.20 -8.22 -8.89
C LEU A 230 5.70 -7.10 -9.81
N PRO A 231 5.20 -6.00 -9.23
CA PRO A 231 4.70 -4.86 -10.02
C PRO A 231 5.92 -4.11 -10.50
N VAL A 232 6.56 -4.68 -11.52
CA VAL A 232 7.77 -4.12 -12.11
C VAL A 232 7.77 -2.65 -12.48
N LYS A 233 6.85 -2.22 -13.34
CA LYS A 233 6.80 -0.82 -13.75
C LYS A 233 6.83 0.13 -12.56
N TRP A 234 6.56 -0.38 -11.37
CA TRP A 234 6.56 0.40 -10.14
C TRP A 234 7.88 0.27 -9.38
N MET A 235 8.46 -0.91 -9.41
CA MET A 235 9.72 -1.20 -8.73
C MET A 235 10.90 -0.31 -9.09
N ALA A 236 11.74 -0.04 -8.08
CA ALA A 236 12.91 0.80 -8.28
C ALA A 236 13.89 -0.04 -9.09
N PRO A 237 14.84 0.60 -9.79
CA PRO A 237 15.78 -0.20 -10.58
C PRO A 237 16.65 -1.08 -9.68
N GLU A 238 16.95 -0.57 -8.50
CA GLU A 238 17.77 -1.30 -7.56
C GLU A 238 17.10 -2.57 -7.07
N SER A 239 15.77 -2.62 -7.16
CA SER A 239 15.02 -3.79 -6.72
C SER A 239 14.81 -4.77 -7.85
N ILE A 240 14.74 -4.23 -9.05
CA ILE A 240 14.53 -5.07 -10.21
C ILE A 240 15.78 -5.86 -10.50
N PHE A 241 16.90 -5.16 -10.43
CA PHE A 241 18.20 -5.76 -10.68
C PHE A 241 18.91 -6.49 -9.55
N ASP A 242 18.85 -5.95 -8.34
CA ASP A 242 19.52 -6.57 -7.20
C ASP A 242 18.65 -7.02 -6.02
N CYS A 243 17.35 -7.17 -6.23
CA CYS A 243 16.45 -7.58 -5.14
C CYS A 243 16.79 -6.89 -3.81
N VAL A 244 16.84 -5.55 -3.86
CA VAL A 244 17.13 -4.73 -2.70
C VAL A 244 15.90 -3.87 -2.43
N TYR A 245 15.35 -3.99 -1.24
CA TYR A 245 14.17 -3.21 -0.89
C TYR A 245 14.42 -2.31 0.32
N THR A 246 14.51 -1.02 0.03
CA THR A 246 14.73 -0.04 1.07
C THR A 246 13.62 0.99 1.01
N VAL A 247 13.53 1.84 2.04
CA VAL A 247 12.50 2.85 2.07
C VAL A 247 12.66 3.69 0.81
N GLN A 248 13.90 3.78 0.32
CA GLN A 248 14.21 4.55 -0.88
C GLN A 248 13.67 3.87 -2.13
N SER A 249 13.40 2.57 -2.04
CA SER A 249 12.86 1.86 -3.17
C SER A 249 11.42 2.35 -3.20
N ASP A 250 10.84 2.43 -2.02
CA ASP A 250 9.46 2.87 -1.85
C ASP A 250 9.16 4.24 -2.38
N VAL A 251 10.11 5.16 -2.22
CA VAL A 251 9.94 6.50 -2.68
C VAL A 251 9.86 6.55 -4.18
N TRP A 252 10.61 5.68 -4.83
CA TRP A 252 10.61 5.64 -6.28
C TRP A 252 9.23 5.25 -6.75
N SER A 253 8.72 4.15 -6.22
CA SER A 253 7.40 3.69 -6.60
C SER A 253 6.43 4.81 -6.29
N TYR A 254 6.65 5.47 -5.17
CA TYR A 254 5.77 6.55 -4.78
C TYR A 254 5.68 7.55 -5.93
N GLY A 255 6.81 7.83 -6.56
CA GLY A 255 6.78 8.76 -7.67
C GLY A 255 5.90 8.19 -8.76
N ILE A 256 6.08 6.90 -9.03
CA ILE A 256 5.30 6.24 -10.06
C ILE A 256 3.82 6.45 -9.78
N LEU A 257 3.49 6.66 -8.50
CA LEU A 257 2.14 6.88 -8.01
C LEU A 257 1.66 8.29 -8.29
N LEU A 258 2.55 9.26 -8.14
CA LEU A 258 2.20 10.66 -8.38
C LEU A 258 1.87 10.79 -9.84
N TRP A 259 2.50 9.95 -10.64
CA TRP A 259 2.28 9.95 -12.08
C TRP A 259 0.84 9.47 -12.29
N GLU A 260 0.53 8.28 -11.80
CA GLU A 260 -0.81 7.76 -11.95
C GLU A 260 -1.87 8.76 -11.47
N ILE A 261 -1.53 9.57 -10.48
CA ILE A 261 -2.48 10.54 -9.97
C ILE A 261 -2.75 11.65 -10.95
N PHE A 262 -1.70 12.25 -11.47
CA PHE A 262 -1.88 13.35 -12.40
C PHE A 262 -2.17 12.96 -13.84
N SER A 263 -1.89 11.72 -14.16
CA SER A 263 -2.14 11.25 -15.50
C SER A 263 -3.59 10.78 -15.43
N LEU A 264 -4.19 11.02 -14.27
CA LEU A 264 -5.57 10.65 -14.00
C LEU A 264 -5.85 9.17 -14.20
N GLY A 265 -4.87 8.33 -13.87
CA GLY A 265 -5.07 6.91 -13.97
C GLY A 265 -4.47 6.19 -15.15
N LEU A 266 -3.52 6.79 -15.87
CA LEU A 266 -2.94 6.08 -17.00
C LEU A 266 -2.13 4.95 -16.41
N ASN A 267 -1.62 4.07 -17.27
CA ASN A 267 -0.83 2.96 -16.80
C ASN A 267 0.62 3.34 -17.02
N PRO A 268 1.45 3.25 -15.98
CA PRO A 268 2.86 3.62 -16.15
C PRO A 268 3.44 3.15 -17.49
N TYR A 269 4.35 3.93 -18.05
CA TYR A 269 4.98 3.58 -19.32
C TYR A 269 3.94 3.13 -20.35
N PRO A 270 2.99 4.01 -20.65
CA PRO A 270 1.91 3.75 -21.60
C PRO A 270 2.46 3.30 -22.95
N GLY A 271 1.99 2.15 -23.41
CA GLY A 271 2.43 1.60 -24.68
C GLY A 271 3.64 0.70 -24.54
N ILE A 272 4.61 1.14 -23.74
CA ILE A 272 5.82 0.35 -23.52
C ILE A 272 5.47 -0.97 -22.85
N LEU A 273 6.16 -2.04 -23.26
CA LEU A 273 5.92 -3.35 -22.70
C LEU A 273 7.03 -3.70 -21.74
N VAL A 274 6.68 -4.40 -20.67
CA VAL A 274 7.67 -4.79 -19.68
C VAL A 274 8.48 -5.95 -20.23
N ASN A 275 9.74 -5.68 -20.58
CA ASN A 275 10.64 -6.69 -21.12
C ASN A 275 12.06 -6.15 -21.28
N SER A 276 12.98 -7.06 -21.59
CA SER A 276 14.40 -6.77 -21.79
C SER A 276 14.72 -5.32 -22.18
N LYS A 277 14.01 -4.79 -23.16
CA LYS A 277 14.24 -3.41 -23.58
C LYS A 277 13.84 -2.50 -22.44
N PHE A 278 12.63 -2.67 -21.91
CA PHE A 278 12.15 -1.84 -20.80
C PHE A 278 13.21 -1.70 -19.72
N TYR A 279 13.74 -2.84 -19.29
CA TYR A 279 14.76 -2.89 -18.25
C TYR A 279 15.96 -1.98 -18.51
N LYS A 280 16.51 -2.05 -19.73
CA LYS A 280 17.66 -1.23 -20.10
C LYS A 280 17.27 0.25 -20.09
N LEU A 281 16.00 0.52 -20.39
CA LEU A 281 15.51 1.89 -20.42
C LEU A 281 15.55 2.48 -19.01
N VAL A 282 14.81 1.87 -18.09
CA VAL A 282 14.78 2.36 -16.70
C VAL A 282 16.14 2.52 -16.04
N LYS A 283 17.05 1.56 -16.28
CA LYS A 283 18.37 1.63 -15.68
C LYS A 283 19.16 2.77 -16.31
N ASP A 284 18.99 2.95 -17.62
CA ASP A 284 19.71 4.01 -18.32
C ASP A 284 19.13 5.40 -18.05
N GLY A 285 18.35 5.54 -16.98
CA GLY A 285 17.80 6.84 -16.60
C GLY A 285 16.52 7.35 -17.24
N TYR A 286 15.88 6.54 -18.07
CA TYR A 286 14.65 6.97 -18.71
C TYR A 286 13.58 7.24 -17.67
N GLN A 287 12.77 8.27 -17.93
CA GLN A 287 11.68 8.65 -17.03
C GLN A 287 10.44 8.91 -17.86
N MET A 288 9.28 8.77 -17.25
CA MET A 288 8.03 9.01 -17.96
C MET A 288 7.82 10.49 -18.13
N ALA A 289 7.37 10.88 -19.32
CA ALA A 289 7.12 12.27 -19.63
C ALA A 289 6.15 12.83 -18.60
N GLN A 290 6.16 14.14 -18.45
CA GLN A 290 5.27 14.80 -17.49
C GLN A 290 3.78 14.57 -17.79
N PRO A 291 2.96 14.30 -16.75
CA PRO A 291 1.54 14.11 -17.05
C PRO A 291 0.87 15.44 -17.37
N ALA A 292 -0.25 15.35 -18.09
CA ALA A 292 -1.01 16.53 -18.48
C ALA A 292 -1.45 17.44 -17.36
N PHE A 293 -1.83 16.87 -16.22
CA PHE A 293 -2.29 17.69 -15.11
C PHE A 293 -1.31 17.95 -13.98
N ALA A 294 -0.06 17.52 -14.16
CA ALA A 294 0.93 17.72 -13.12
C ALA A 294 1.66 19.03 -13.24
N PRO A 295 1.56 19.90 -12.22
CA PRO A 295 2.22 21.20 -12.17
C PRO A 295 3.69 20.91 -12.38
N LYS A 296 4.49 21.90 -12.74
CA LYS A 296 5.90 21.61 -12.93
C LYS A 296 6.58 21.10 -11.65
N ASN A 297 6.34 21.78 -10.52
CA ASN A 297 6.94 21.36 -9.25
C ASN A 297 6.64 19.91 -8.92
N ILE A 298 5.34 19.60 -8.83
CA ILE A 298 4.91 18.23 -8.54
C ILE A 298 5.64 17.26 -9.43
N TYR A 299 5.75 17.59 -10.71
CA TYR A 299 6.44 16.69 -11.63
C TYR A 299 7.87 16.61 -11.20
N SER A 300 8.37 17.69 -10.59
CA SER A 300 9.76 17.69 -10.14
C SER A 300 9.88 16.78 -8.94
N ILE A 301 8.76 16.31 -8.42
CA ILE A 301 8.86 15.43 -7.26
C ILE A 301 9.11 14.05 -7.84
N MET A 302 8.44 13.77 -8.95
CA MET A 302 8.59 12.49 -9.58
C MET A 302 10.03 12.26 -9.99
N GLN A 303 10.62 13.26 -10.61
CA GLN A 303 12.00 13.15 -11.05
C GLN A 303 12.91 12.80 -9.90
N ALA A 304 12.79 13.52 -8.79
CA ALA A 304 13.63 13.26 -7.61
C ALA A 304 13.40 11.82 -7.11
N CYS A 305 12.13 11.45 -6.96
CA CYS A 305 11.81 10.14 -6.50
C CYS A 305 12.43 9.12 -7.43
N TRP A 306 12.49 9.41 -8.73
CA TRP A 306 13.08 8.48 -9.70
C TRP A 306 14.59 8.54 -9.89
N ALA A 307 15.28 9.27 -9.04
CA ALA A 307 16.73 9.36 -9.16
C ALA A 307 17.29 7.94 -9.22
N LEU A 308 18.31 7.72 -10.04
CA LEU A 308 18.90 6.38 -10.16
C LEU A 308 19.59 5.90 -8.89
N GLU A 309 20.11 6.82 -8.09
CA GLU A 309 20.77 6.44 -6.85
C GLU A 309 19.95 6.81 -5.62
N PRO A 310 19.52 5.79 -4.87
CA PRO A 310 18.73 5.82 -3.64
C PRO A 310 19.00 6.97 -2.67
N THR A 311 20.29 7.26 -2.46
CA THR A 311 20.66 8.33 -1.54
C THR A 311 20.24 9.71 -1.97
N HIS A 312 19.97 9.88 -3.27
CA HIS A 312 19.54 11.17 -3.80
C HIS A 312 18.04 11.35 -3.89
N ARG A 313 17.28 10.27 -3.67
CA ARG A 313 15.82 10.39 -3.73
C ARG A 313 15.43 11.07 -2.42
N PRO A 314 14.32 11.83 -2.42
CA PRO A 314 14.01 12.44 -1.14
C PRO A 314 13.53 11.42 -0.10
N THR A 315 12.93 11.93 0.96
CA THR A 315 12.38 11.11 2.04
C THR A 315 10.88 11.39 2.01
N PHE A 316 10.07 10.47 2.50
CA PHE A 316 8.64 10.74 2.47
C PHE A 316 8.28 11.97 3.29
N GLN A 317 9.13 12.33 4.24
CA GLN A 317 8.89 13.50 5.09
C GLN A 317 9.23 14.80 4.33
N GLN A 318 10.33 14.79 3.58
CA GLN A 318 10.70 15.95 2.82
C GLN A 318 9.59 16.15 1.77
N ILE A 319 9.19 15.06 1.12
CA ILE A 319 8.14 15.09 0.11
C ILE A 319 6.88 15.62 0.77
N CYS A 320 6.67 15.19 2.01
CA CYS A 320 5.50 15.62 2.76
C CYS A 320 5.54 17.12 3.00
N SER A 321 6.67 17.58 3.51
CA SER A 321 6.90 18.98 3.81
C SER A 321 6.83 19.85 2.56
N PHE A 322 7.41 19.35 1.46
CA PHE A 322 7.42 20.07 0.19
C PHE A 322 6.03 20.26 -0.37
N LEU A 323 5.21 19.20 -0.35
CA LEU A 323 3.85 19.29 -0.87
C LEU A 323 3.08 20.27 0.02
N GLN A 324 3.64 20.51 1.20
CA GLN A 324 3.08 21.41 2.17
C GLN A 324 3.43 22.83 1.69
N GLU A 325 4.72 23.07 1.49
CA GLU A 325 5.23 24.36 1.02
C GLU A 325 4.33 24.90 -0.06
N GLN A 326 3.50 24.02 -0.61
CA GLN A 326 2.60 24.45 -1.65
C GLN A 326 1.40 25.05 -0.93
N ALA A 327 1.68 25.81 0.12
CA ALA A 327 0.66 26.48 0.91
C ALA A 327 0.28 27.71 0.09
N GLN A 328 0.87 27.81 -1.10
CA GLN A 328 0.62 28.92 -2.00
C GLN A 328 -0.88 29.17 -2.17
N GLU A 329 -1.72 28.21 -1.77
CA GLU A 329 -3.16 28.37 -1.90
C GLU A 329 -3.82 28.55 -0.53
S SO4 B . -4.33 -1.16 -16.57
O1 SO4 B . -5.35 -1.19 -17.63
O2 SO4 B . -4.98 -1.42 -15.27
O3 SO4 B . -3.68 0.17 -16.54
O4 SO4 B . -3.30 -2.18 -16.86
C1 6C3 C . -10.25 -2.97 2.58
C2 6C3 C . -10.02 -3.49 1.26
C3 6C3 C . -9.00 -4.49 1.13
C7 6C3 C . -10.88 -3.04 0.09
C8 6C3 C . -11.93 -2.07 0.35
C9 6C3 C . -12.10 -1.54 1.80
C10 6C3 C . -11.30 -4.70 -1.81
C11 6C3 C . -11.00 -5.17 -3.11
C12 6C3 C . -9.96 -4.57 -3.87
C13 6C3 C . -9.23 -3.49 -3.35
C14 6C3 C . -9.53 -3.00 -2.07
C15 6C3 C . -10.58 -3.58 -1.28
C16 6C3 C . -13.10 -1.92 -1.92
C19 6C3 C . -14.82 -1.44 -3.79
C4 6C3 C . -8.25 -4.92 2.25
C5 6C3 C . -8.49 -4.39 3.54
C6 6C3 C . -9.49 -3.41 3.71
N1 6C3 C . -11.26 -2.03 2.77
CL1 6C3 C . -7.07 -6.14 2.04
O1 6C3 C . -12.95 -0.69 2.11
C17 6C3 C . -12.99 -1.52 -0.58
O2 6C3 C . -14.02 -0.60 -0.41
N2 6C3 C . -14.75 -0.43 -1.56
C18 6C3 C . -14.20 -1.25 -2.46
#